data_6KNJ
#
_entry.id   6KNJ
#
_cell.length_a   117.376
_cell.length_b   117.376
_cell.length_c   110.275
_cell.angle_alpha   90.000
_cell.angle_beta   90.000
_cell.angle_gamma   90.000
#
_symmetry.space_group_name_H-M   'P 41 21 2'
#
loop_
_entity.id
_entity.type
_entity.pdbx_description
1 polymer 'UTP--glucose-1-phosphate uridylyltransferase'
2 polymer 'UTP--glucose-1-phosphate uridylyltransferase'
3 non-polymer 'SULFATE ION'
4 non-polymer "URIDINE 5'-TRIPHOSPHATE"
5 non-polymer GLYCEROL
6 water water
#
loop_
_entity_poly.entity_id
_entity_poly.type
_entity_poly.pdbx_seq_one_letter_code
_entity_poly.pdbx_strand_id
1 'polypeptide(L)'
;MIKKAVLPVAGLGTRFLPASKSIPKEMVTVVDRPAIEYVVREAVEAGIEQIILVTHSSKASIENYFDRNFELETTLEQKK
KFDLLAEITQIVEEHVSVISVRQPQPLGLGHAVLCAKSVVGEDDFAVLLPDVLVKDGSGQNDLSRMISRYNSSQAAQIMV
EAVPDHLVDQYGIVDVAQSPNEGESIAMQGIVEKPPVGAAPSNLSVVGRYVLPAKIMQLLENTPKGAGNEIQLTDAIAML
QDTDTVEAYRMQGQTFDCGSKLGYLKAVLHYGLEHPKLGMEFKQLILELK
;
A
2 'polypeptide(L)'
;MIKKAVLPVAGLGTRFLPASKSIPKEMVTVVDRPAIEYVVREAVEAGIEQIILVTHSSKASIENYFDRNFELETTLEQKK
KFDLLAEITQIVPEHVSVISVRQPQPLGLGHAVLCAKSVVGEDDFAVLLPDVLVKDGSGQNDLSRMISRYNSSQAAQIMV
EAVPDHLVDQYGIVDVAQSPNEGESIAMQGIVEKPPVGAAPSNLSVVGRYVLPAKIMQLLENTPKGAGNEIQLTDAIAML
QDTDTVEAYRMQGQTFDCGSKLGYLKAVLHYGLEHPKLGMEFKQLILELK
;
B
#
loop_
_chem_comp.id
_chem_comp.type
_chem_comp.name
_chem_comp.formula
GOL non-polymer GLYCEROL 'C3 H8 O3'
SO4 non-polymer 'SULFATE ION' 'O4 S -2'
UTP non-polymer 'URIDINE 5'-TRIPHOSPHATE' 'C9 H15 N2 O15 P3'
#
# COMPACT_ATOMS: atom_id res chain seq x y z
N MET A 1 20.96 -11.05 25.61
CA MET A 1 22.23 -11.35 24.86
C MET A 1 22.29 -10.46 23.61
N ILE A 2 21.52 -10.76 22.54
CA ILE A 2 21.46 -10.03 21.23
C ILE A 2 20.24 -9.11 21.21
N LYS A 3 20.41 -7.80 20.98
CA LYS A 3 19.30 -6.81 21.20
C LYS A 3 19.21 -5.67 20.17
N LYS A 4 20.23 -5.44 19.32
CA LYS A 4 20.15 -4.54 18.11
C LYS A 4 19.88 -5.30 16.80
N ALA A 5 18.77 -5.04 16.09
CA ALA A 5 18.60 -5.36 14.66
C ALA A 5 18.97 -4.11 13.86
N VAL A 6 19.62 -4.25 12.70
CA VAL A 6 19.78 -3.13 11.72
C VAL A 6 18.91 -3.42 10.50
N LEU A 7 17.95 -2.57 10.16
CA LEU A 7 17.03 -2.78 9.00
C LEU A 7 17.41 -1.77 7.93
N PRO A 8 18.08 -2.19 6.84
CA PRO A 8 18.32 -1.27 5.72
C PRO A 8 17.01 -0.94 4.98
N VAL A 9 16.74 0.34 4.68
CA VAL A 9 15.48 0.84 4.07
C VAL A 9 15.74 2.14 3.26
N ALA A 10 16.91 2.26 2.59
CA ALA A 10 17.35 3.42 1.77
C ALA A 10 17.13 3.13 0.26
N GLY A 11 16.44 2.03 -0.02
CA GLY A 11 16.38 1.44 -1.36
C GLY A 11 15.31 2.09 -2.20
N LEU A 12 15.64 2.45 -3.44
CA LEU A 12 14.73 3.24 -4.29
C LEU A 12 13.55 2.43 -4.84
N GLY A 13 13.39 1.12 -4.55
CA GLY A 13 12.25 0.29 -5.01
C GLY A 13 12.04 0.26 -6.53
N THR A 14 13.07 0.50 -7.35
CA THR A 14 12.96 0.61 -8.82
C THR A 14 12.06 -0.57 -9.28
N ARG A 15 12.38 -1.81 -8.91
CA ARG A 15 11.61 -3.01 -9.38
C ARG A 15 10.17 -2.93 -8.87
N PHE A 16 9.90 -2.18 -7.81
CA PHE A 16 8.52 -2.13 -7.24
C PHE A 16 7.77 -0.85 -7.65
N LEU A 17 7.89 -0.46 -8.92
CA LEU A 17 7.29 0.79 -9.45
C LEU A 17 5.99 0.45 -10.14
N PRO A 18 5.04 1.38 -10.30
CA PRO A 18 5.09 2.72 -9.69
C PRO A 18 4.60 2.82 -8.24
N ALA A 19 4.08 1.73 -7.67
CA ALA A 19 3.59 1.60 -6.28
C ALA A 19 4.54 2.35 -5.36
N SER A 20 5.83 2.12 -5.54
CA SER A 20 6.91 2.69 -4.69
C SER A 20 7.53 3.97 -5.27
N LYS A 21 6.74 4.73 -6.03
CA LYS A 21 7.23 5.96 -6.69
C LYS A 21 7.25 7.06 -5.66
N SER A 22 6.15 7.15 -4.88
CA SER A 22 5.76 8.30 -4.01
C SER A 22 5.64 7.96 -2.52
N ILE A 23 5.35 6.71 -2.19
CA ILE A 23 5.49 6.08 -0.84
C ILE A 23 6.69 5.17 -0.95
N PRO A 24 7.33 4.72 0.14
CA PRO A 24 8.28 3.61 0.10
C PRO A 24 7.70 2.21 -0.14
N LYS A 25 8.54 1.27 -0.58
CA LYS A 25 8.11 -0.11 -0.85
C LYS A 25 7.97 -0.82 0.49
N GLU A 26 8.47 -0.24 1.57
CA GLU A 26 8.41 -0.89 2.90
C GLU A 26 7.04 -0.70 3.51
N MET A 27 6.27 0.23 2.93
CA MET A 27 4.98 0.69 3.47
C MET A 27 3.86 0.12 2.63
N VAL A 28 4.21 -0.81 1.76
CA VAL A 28 3.20 -1.44 0.87
C VAL A 28 2.19 -2.11 1.78
N THR A 29 0.88 -1.95 1.49
CA THR A 29 -0.20 -2.43 2.38
C THR A 29 -0.35 -3.92 2.15
N VAL A 30 0.31 -4.71 3.00
CA VAL A 30 0.11 -6.20 3.06
C VAL A 30 -1.19 -6.51 3.85
N VAL A 31 -2.29 -6.82 3.16
CA VAL A 31 -3.61 -7.10 3.79
C VAL A 31 -4.18 -5.80 4.40
N ASP A 32 -3.69 -5.39 5.58
CA ASP A 32 -4.25 -4.20 6.30
C ASP A 32 -3.15 -3.40 7.00
N ARG A 33 -1.91 -3.86 7.03
CA ARG A 33 -0.80 -3.06 7.61
C ARG A 33 0.46 -3.10 6.73
N PRO A 34 1.34 -2.10 6.85
CA PRO A 34 2.46 -1.96 5.94
C PRO A 34 3.42 -3.14 6.11
N ALA A 35 4.25 -3.44 5.11
CA ALA A 35 5.19 -4.59 5.12
C ALA A 35 6.20 -4.52 6.26
N ILE A 36 6.78 -3.35 6.55
CA ILE A 36 7.83 -3.16 7.60
C ILE A 36 7.28 -3.47 8.99
N GLU A 37 5.95 -3.52 9.18
CA GLU A 37 5.39 -3.85 10.51
C GLU A 37 5.80 -5.29 10.84
N TYR A 38 5.59 -6.19 9.89
CA TYR A 38 5.78 -7.63 10.08
C TYR A 38 7.25 -7.93 10.35
N VAL A 39 8.16 -7.20 9.70
CA VAL A 39 9.62 -7.48 9.77
C VAL A 39 10.13 -7.05 11.16
N VAL A 40 9.59 -5.96 11.68
CA VAL A 40 9.95 -5.42 13.03
C VAL A 40 9.36 -6.34 14.10
N ARG A 41 8.03 -6.51 14.09
CA ARG A 41 7.31 -7.53 14.89
C ARG A 41 8.13 -8.84 15.00
N GLU A 42 8.63 -9.40 13.88
CA GLU A 42 9.49 -10.63 13.85
C GLU A 42 10.66 -10.42 14.83
N ALA A 43 11.42 -9.33 14.63
CA ALA A 43 12.60 -8.93 15.44
C ALA A 43 12.22 -8.76 16.91
N VAL A 44 11.12 -8.05 17.18
CA VAL A 44 10.60 -7.78 18.55
C VAL A 44 10.34 -9.14 19.20
N GLU A 45 9.58 -9.99 18.49
CA GLU A 45 9.12 -11.32 18.98
C GLU A 45 10.31 -12.28 19.18
N ALA A 46 11.53 -11.86 18.82
CA ALA A 46 12.77 -12.66 18.86
C ALA A 46 13.62 -12.25 20.05
N GLY A 47 13.43 -11.03 20.55
CA GLY A 47 14.14 -10.52 21.73
C GLY A 47 14.90 -9.26 21.42
N ILE A 48 14.72 -8.72 20.22
CA ILE A 48 15.29 -7.40 19.88
C ILE A 48 14.55 -6.29 20.67
N GLU A 49 15.32 -5.31 21.14
CA GLU A 49 14.86 -4.08 21.82
C GLU A 49 15.13 -2.86 20.94
N GLN A 50 16.31 -2.75 20.35
CA GLN A 50 16.69 -1.55 19.58
C GLN A 50 16.58 -1.82 18.08
N ILE A 51 15.64 -1.22 17.35
CA ILE A 51 15.55 -1.27 15.86
C ILE A 51 16.40 -0.16 15.28
N ILE A 52 17.16 -0.39 14.21
CA ILE A 52 18.02 0.68 13.62
C ILE A 52 17.72 0.75 12.12
N LEU A 53 16.85 1.66 11.76
CA LEU A 53 16.54 1.96 10.35
C LEU A 53 17.72 2.77 9.76
N VAL A 54 18.45 2.15 8.84
CA VAL A 54 19.31 2.86 7.85
C VAL A 54 18.38 3.27 6.70
N THR A 55 18.15 4.57 6.52
CA THR A 55 16.92 5.09 5.86
C THR A 55 17.38 6.15 4.87
N HIS A 56 16.45 6.65 4.06
CA HIS A 56 16.73 7.64 3.01
C HIS A 56 15.94 8.88 3.37
N SER A 57 16.24 9.99 2.70
CA SER A 57 15.57 11.29 2.87
C SER A 57 14.07 11.19 2.58
N SER A 58 13.66 10.25 1.72
CA SER A 58 12.25 10.13 1.24
C SER A 58 11.36 9.23 2.11
N LYS A 59 11.94 8.40 2.98
CA LYS A 59 11.25 7.36 3.77
C LYS A 59 11.04 7.84 5.21
N ALA A 60 10.35 8.98 5.37
CA ALA A 60 9.97 9.53 6.67
C ALA A 60 8.64 8.87 7.05
N SER A 61 7.89 8.37 6.07
CA SER A 61 6.57 7.72 6.31
C SER A 61 6.82 6.47 7.11
N ILE A 62 8.05 6.01 7.11
CA ILE A 62 8.43 4.79 7.87
C ILE A 62 8.59 5.14 9.36
N GLU A 63 9.50 6.08 9.69
CA GLU A 63 9.88 6.50 11.06
C GLU A 63 8.60 6.91 11.77
N ASN A 64 7.72 7.59 11.04
CA ASN A 64 6.43 8.17 11.51
C ASN A 64 5.41 7.10 11.94
N TYR A 65 5.51 5.89 11.37
CA TYR A 65 4.58 4.77 11.60
C TYR A 65 4.89 4.07 12.95
N PHE A 66 6.06 4.41 13.55
CA PHE A 66 6.51 3.89 14.88
C PHE A 66 6.34 5.01 15.90
N ASP A 67 5.59 6.04 15.55
CA ASP A 67 5.48 7.25 16.41
C ASP A 67 4.01 7.66 16.55
N ARG A 68 3.74 8.25 17.70
CA ARG A 68 2.48 8.93 17.98
C ARG A 68 2.21 10.04 16.96
N ASN A 69 1.04 9.90 16.35
CA ASN A 69 0.37 10.88 15.48
C ASN A 69 -0.69 11.65 16.33
N PHE A 70 -0.45 12.93 16.64
CA PHE A 70 -1.38 13.75 17.44
C PHE A 70 -2.75 13.67 16.74
N GLU A 71 -2.77 14.13 15.49
CA GLU A 71 -4.00 14.57 14.77
C GLU A 71 -5.01 13.46 14.61
N LEU A 72 -4.52 12.23 14.56
CA LEU A 72 -5.30 10.99 14.38
C LEU A 72 -5.76 10.57 15.76
N GLU A 73 -4.80 10.29 16.62
CA GLU A 73 -5.08 9.99 18.04
C GLU A 73 -6.25 10.89 18.45
N THR A 74 -6.19 12.21 18.22
CA THR A 74 -7.25 13.08 18.78
C THR A 74 -8.55 12.96 17.98
N THR A 75 -8.53 12.78 16.66
CA THR A 75 -9.82 12.55 15.94
C THR A 75 -10.40 11.20 16.44
N LEU A 76 -9.66 10.07 16.37
CA LEU A 76 -10.17 8.77 16.88
C LEU A 76 -10.95 8.97 18.20
N GLU A 77 -10.34 9.58 19.24
CA GLU A 77 -10.96 9.90 20.56
C GLU A 77 -12.31 10.62 20.43
N GLN A 78 -12.44 11.66 19.57
CA GLN A 78 -13.68 12.44 19.30
C GLN A 78 -14.72 11.59 18.55
N LYS A 79 -14.29 10.50 17.95
CA LYS A 79 -15.21 9.50 17.36
C LYS A 79 -15.61 8.50 18.48
N LYS A 80 -14.73 8.31 19.47
CA LYS A 80 -14.86 7.34 20.58
C LYS A 80 -14.42 5.96 20.04
N LYS A 81 -13.68 5.89 18.93
CA LYS A 81 -13.13 4.59 18.42
C LYS A 81 -11.80 4.29 19.14
N PHE A 82 -11.82 3.78 20.39
CA PHE A 82 -10.62 3.65 21.30
C PHE A 82 -9.88 2.32 21.16
N ASP A 83 -10.59 1.28 20.72
CA ASP A 83 -9.98 0.02 20.24
C ASP A 83 -8.95 0.49 19.21
N LEU A 84 -9.46 1.08 18.14
CA LEU A 84 -8.60 1.56 17.03
C LEU A 84 -7.54 2.50 17.58
N LEU A 85 -7.90 3.30 18.58
CA LEU A 85 -6.91 4.25 19.14
C LEU A 85 -5.77 3.42 19.71
N ALA A 86 -6.09 2.39 20.49
CA ALA A 86 -5.07 1.57 21.20
C ALA A 86 -4.28 0.68 20.21
N GLU A 87 -4.76 0.50 18.94
CA GLU A 87 -3.92 -0.05 17.84
C GLU A 87 -2.68 0.88 17.70
N ILE A 88 -2.94 2.07 17.17
CA ILE A 88 -1.89 3.01 16.65
C ILE A 88 -0.99 3.46 17.84
N THR A 89 -1.56 3.58 19.05
CA THR A 89 -0.81 3.99 20.28
C THR A 89 0.31 3.01 20.58
N GLN A 90 0.06 1.70 20.50
CA GLN A 90 1.09 0.71 20.92
C GLN A 90 1.43 -0.18 19.73
N ILE A 91 2.20 0.30 18.74
CA ILE A 91 2.58 -0.56 17.59
C ILE A 91 3.77 -1.42 18.07
N VAL A 92 4.84 -0.79 18.50
CA VAL A 92 5.96 -1.52 19.18
C VAL A 92 5.58 -1.63 20.66
N GLU A 93 6.20 -2.56 21.40
CA GLU A 93 6.15 -2.62 22.87
C GLU A 93 6.73 -1.32 23.44
N GLU A 94 6.26 -0.85 24.62
CA GLU A 94 6.71 0.40 25.32
C GLU A 94 8.24 0.37 25.57
N HIS A 95 8.82 -0.80 25.85
CA HIS A 95 10.28 -1.07 26.03
C HIS A 95 11.01 -1.44 24.71
N VAL A 96 10.68 -0.80 23.58
CA VAL A 96 11.40 -0.91 22.27
C VAL A 96 11.65 0.50 21.77
N SER A 97 12.90 0.84 21.39
CA SER A 97 13.23 2.10 20.69
C SER A 97 13.34 1.84 19.20
N VAL A 98 13.01 2.85 18.39
CA VAL A 98 13.21 2.88 16.91
C VAL A 98 14.13 4.08 16.61
N ILE A 99 15.29 3.80 16.03
CA ILE A 99 16.44 4.74 15.80
C ILE A 99 16.59 4.91 14.28
N SER A 100 17.05 6.08 13.83
CA SER A 100 17.28 6.42 12.41
C SER A 100 18.74 6.86 12.20
N VAL A 101 19.37 6.32 11.18
CA VAL A 101 20.58 6.97 10.61
C VAL A 101 20.41 6.89 9.10
N ARG A 102 21.14 7.73 8.37
CA ARG A 102 20.88 7.99 6.92
C ARG A 102 21.97 7.40 6.02
N GLN A 103 21.61 6.48 5.10
CA GLN A 103 22.50 6.02 3.99
C GLN A 103 22.44 7.08 2.90
N PRO A 104 23.55 7.87 2.80
CA PRO A 104 23.53 9.19 2.14
C PRO A 104 23.43 9.12 0.62
N GLN A 105 24.12 8.17 0.01
CA GLN A 105 23.99 7.70 -1.39
C GLN A 105 23.76 6.19 -1.33
N PRO A 106 22.87 5.68 -2.18
CA PRO A 106 22.50 4.27 -2.11
C PRO A 106 23.59 3.45 -2.83
N LEU A 107 24.59 2.91 -2.10
CA LEU A 107 25.82 2.27 -2.64
C LEU A 107 25.85 0.82 -2.14
N GLY A 108 24.63 0.32 -1.99
CA GLY A 108 24.36 -1.11 -1.76
C GLY A 108 24.31 -1.42 -0.29
N LEU A 109 23.61 -2.49 0.06
CA LEU A 109 23.44 -3.02 1.44
C LEU A 109 24.76 -2.95 2.25
N GLY A 110 25.85 -3.53 1.79
CA GLY A 110 27.11 -3.49 2.55
C GLY A 110 27.41 -2.10 3.12
N HIS A 111 27.34 -1.03 2.28
CA HIS A 111 27.51 0.42 2.66
C HIS A 111 26.44 0.90 3.63
N ALA A 112 25.23 0.33 3.52
CA ALA A 112 24.07 0.44 4.44
C ALA A 112 24.33 -0.19 5.81
N VAL A 113 24.76 -1.45 5.94
CA VAL A 113 25.07 -1.99 7.30
C VAL A 113 26.20 -1.18 7.92
N LEU A 114 27.10 -0.62 7.13
CA LEU A 114 28.27 0.14 7.64
C LEU A 114 27.80 1.48 8.18
N CYS A 115 26.63 1.96 7.78
CA CYS A 115 26.13 3.25 8.27
C CYS A 115 25.68 3.10 9.73
N ALA A 116 25.40 1.88 10.22
CA ALA A 116 25.02 1.69 11.64
C ALA A 116 26.24 1.61 12.60
N LYS A 117 27.48 1.64 12.09
CA LYS A 117 28.74 1.42 12.86
C LYS A 117 28.55 2.05 14.24
N SER A 118 28.29 3.36 14.26
CA SER A 118 28.25 4.23 15.47
C SER A 118 27.12 3.83 16.44
N VAL A 119 25.99 3.39 15.91
CA VAL A 119 24.84 3.04 16.78
C VAL A 119 25.08 1.63 17.36
N VAL A 120 25.87 0.80 16.66
CA VAL A 120 26.07 -0.64 16.98
C VAL A 120 27.29 -0.82 17.90
N GLY A 121 28.18 0.20 18.01
CA GLY A 121 29.34 0.20 18.91
C GLY A 121 30.08 -1.11 18.88
N GLU A 122 30.40 -1.71 20.05
CA GLU A 122 31.03 -3.05 20.17
C GLU A 122 29.97 -4.17 20.29
N ASP A 123 28.68 -3.91 20.10
CA ASP A 123 27.61 -4.95 20.26
C ASP A 123 27.50 -5.84 19.00
N ASP A 124 27.37 -7.17 19.19
CA ASP A 124 27.02 -8.21 18.17
C ASP A 124 25.54 -8.05 17.79
N PHE A 125 25.26 -7.86 16.51
CA PHE A 125 23.94 -7.35 16.02
C PHE A 125 23.41 -8.19 14.85
N ALA A 126 22.09 -8.38 14.80
CA ALA A 126 21.40 -9.00 13.66
C ALA A 126 21.16 -7.96 12.55
N VAL A 127 20.86 -8.45 11.34
CA VAL A 127 20.35 -7.66 10.19
C VAL A 127 19.06 -8.33 9.79
N LEU A 128 18.18 -7.57 9.14
CA LEU A 128 16.92 -8.07 8.54
C LEU A 128 16.65 -7.23 7.29
N LEU A 129 16.65 -7.90 6.15
CA LEU A 129 16.20 -7.25 4.91
C LEU A 129 14.67 -7.20 4.96
N PRO A 130 14.11 -6.00 5.12
CA PRO A 130 12.68 -5.82 5.19
C PRO A 130 11.94 -5.94 3.85
N ASP A 131 12.63 -6.02 2.72
CA ASP A 131 11.94 -6.33 1.44
C ASP A 131 11.59 -7.85 1.41
N VAL A 132 11.95 -8.60 2.48
CA VAL A 132 11.66 -10.07 2.64
C VAL A 132 10.87 -10.36 3.92
N LEU A 133 9.66 -10.91 3.80
CA LEU A 133 8.82 -11.35 4.95
C LEU A 133 9.23 -12.78 5.30
N VAL A 134 8.87 -13.28 6.48
CA VAL A 134 9.13 -14.68 6.95
C VAL A 134 7.94 -15.11 7.80
N LYS A 135 7.36 -16.27 7.56
CA LYS A 135 6.14 -16.70 8.28
C LYS A 135 6.41 -18.03 9.00
N ASP A 136 6.88 -17.95 10.24
CA ASP A 136 6.89 -19.09 11.21
C ASP A 136 5.43 -19.54 11.46
N GLY A 137 5.28 -20.83 11.76
CA GLY A 137 4.02 -21.44 12.20
C GLY A 137 4.22 -22.15 13.52
N SER A 138 5.43 -22.68 13.75
CA SER A 138 5.82 -23.47 14.94
C SER A 138 5.29 -22.78 16.21
N GLY A 139 5.58 -21.48 16.35
CA GLY A 139 5.33 -20.72 17.59
C GLY A 139 6.53 -19.87 17.95
N GLN A 140 7.73 -20.43 17.90
CA GLN A 140 9.02 -19.69 18.02
C GLN A 140 9.61 -19.43 16.63
N ASN A 141 9.98 -18.18 16.30
CA ASN A 141 10.33 -17.82 14.89
C ASN A 141 11.79 -18.24 14.60
N ASP A 142 12.16 -18.18 13.31
CA ASP A 142 13.49 -18.56 12.77
C ASP A 142 14.57 -17.60 13.26
N LEU A 143 14.25 -16.34 13.50
CA LEU A 143 15.25 -15.41 14.07
C LEU A 143 15.52 -15.76 15.54
N SER A 144 14.47 -16.07 16.31
CA SER A 144 14.53 -16.64 17.69
C SER A 144 15.60 -17.73 17.72
N ARG A 145 15.39 -18.79 16.93
CA ARG A 145 16.21 -20.03 16.93
C ARG A 145 17.64 -19.71 16.50
N MET A 146 17.73 -19.05 15.35
CA MET A 146 19.03 -18.60 14.81
C MET A 146 19.81 -17.93 15.93
N ILE A 147 19.27 -16.92 16.63
CA ILE A 147 20.05 -16.09 17.60
C ILE A 147 20.64 -17.02 18.68
N SER A 148 19.77 -17.66 19.50
CA SER A 148 20.13 -18.60 20.60
C SER A 148 21.30 -19.48 20.14
N ARG A 149 21.33 -19.86 18.86
CA ARG A 149 22.45 -20.54 18.16
C ARG A 149 23.70 -19.64 18.06
N TYR A 150 23.59 -18.30 17.87
CA TYR A 150 24.72 -17.32 17.90
C TYR A 150 25.11 -16.95 19.35
N ASN A 151 24.21 -17.15 20.33
CA ASN A 151 24.53 -17.05 21.78
C ASN A 151 25.38 -18.27 22.20
N SER A 152 25.02 -19.49 21.78
CA SER A 152 25.71 -20.74 22.16
C SER A 152 27.12 -20.80 21.53
N SER A 153 27.17 -20.69 20.20
CA SER A 153 28.30 -21.09 19.33
C SER A 153 29.33 -19.98 19.22
N GLN A 154 28.83 -18.77 19.03
CA GLN A 154 29.61 -17.51 18.83
C GLN A 154 29.97 -17.38 17.34
N ALA A 155 29.27 -18.13 16.47
CA ALA A 155 29.46 -18.15 14.99
C ALA A 155 28.41 -17.31 14.31
N ALA A 156 28.84 -16.25 13.63
CA ALA A 156 28.02 -15.46 12.69
C ALA A 156 27.10 -16.42 11.92
N GLN A 157 25.81 -16.10 11.88
CA GLN A 157 24.74 -16.96 11.32
C GLN A 157 24.17 -16.29 10.07
N ILE A 158 23.71 -17.14 9.15
CA ILE A 158 23.21 -16.75 7.81
C ILE A 158 21.99 -17.61 7.48
N MET A 159 20.83 -16.98 7.42
CA MET A 159 19.55 -17.67 7.17
C MET A 159 19.51 -17.93 5.67
N VAL A 160 19.15 -19.18 5.36
CA VAL A 160 19.11 -19.78 4.00
C VAL A 160 17.93 -20.76 3.97
N GLU A 161 17.43 -21.05 2.76
CA GLU A 161 16.27 -21.98 2.52
C GLU A 161 16.43 -22.74 1.19
N ALA A 162 15.89 -23.96 1.20
CA ALA A 162 15.98 -24.96 0.10
C ALA A 162 15.17 -24.40 -1.08
N VAL A 163 15.68 -24.51 -2.31
CA VAL A 163 14.97 -24.14 -3.56
C VAL A 163 14.97 -25.37 -4.47
N PRO A 164 14.09 -25.38 -5.49
CA PRO A 164 14.17 -26.40 -6.55
C PRO A 164 15.55 -26.41 -7.22
N ASP A 165 16.07 -27.60 -7.54
CA ASP A 165 17.48 -27.77 -7.95
C ASP A 165 17.71 -27.04 -9.29
N HIS A 166 16.60 -26.73 -9.99
CA HIS A 166 16.57 -26.09 -11.35
C HIS A 166 16.40 -24.56 -11.26
N LEU A 167 16.43 -23.97 -10.06
CA LEU A 167 16.25 -22.50 -9.91
C LEU A 167 17.38 -21.86 -9.09
N VAL A 168 18.47 -22.61 -8.87
CA VAL A 168 19.66 -22.18 -8.06
C VAL A 168 20.42 -21.05 -8.75
N ASP A 169 20.13 -20.72 -10.01
CA ASP A 169 20.79 -19.59 -10.74
C ASP A 169 20.19 -18.28 -10.30
N GLN A 170 19.02 -18.24 -9.65
CA GLN A 170 18.42 -16.93 -9.28
C GLN A 170 19.05 -16.44 -7.98
N TYR A 171 19.65 -17.37 -7.22
CA TYR A 171 19.97 -17.17 -5.79
C TYR A 171 21.48 -17.15 -5.59
N GLY A 172 21.93 -16.28 -4.68
CA GLY A 172 23.15 -16.49 -3.87
C GLY A 172 23.02 -17.79 -3.08
N ILE A 173 23.85 -18.79 -3.38
CA ILE A 173 23.78 -20.11 -2.71
C ILE A 173 25.06 -20.35 -1.92
N VAL A 174 24.81 -20.72 -0.69
CA VAL A 174 25.85 -21.07 0.31
C VAL A 174 26.48 -22.36 -0.13
N ASP A 175 27.77 -22.47 0.20
CA ASP A 175 28.63 -23.67 0.16
C ASP A 175 28.58 -24.31 1.55
N VAL A 176 28.68 -25.63 1.60
CA VAL A 176 28.56 -26.37 2.88
C VAL A 176 29.13 -27.78 2.69
N ALA A 177 29.31 -28.60 3.73
CA ALA A 177 29.51 -30.06 3.55
C ALA A 177 28.16 -30.70 3.19
N GLN A 178 27.33 -31.06 4.16
CA GLN A 178 25.97 -31.59 3.89
C GLN A 178 24.95 -30.46 4.21
N SER A 179 23.69 -30.59 3.77
CA SER A 179 22.59 -29.63 4.10
C SER A 179 22.04 -29.88 5.51
N PRO A 180 22.25 -28.94 6.48
CA PRO A 180 21.67 -29.08 7.83
C PRO A 180 20.12 -29.09 7.89
N ASN A 181 19.50 -29.65 8.93
CA ASN A 181 18.01 -29.87 8.99
C ASN A 181 17.26 -28.55 9.19
N GLU A 182 15.96 -28.52 8.84
CA GLU A 182 15.04 -27.35 9.08
C GLU A 182 15.26 -26.92 10.53
N GLY A 183 15.72 -25.69 10.75
CA GLY A 183 15.95 -25.16 12.10
C GLY A 183 17.17 -25.76 12.78
N GLU A 184 18.29 -25.89 12.05
CA GLU A 184 19.67 -26.19 12.56
C GLU A 184 20.70 -25.44 11.73
N SER A 185 21.98 -25.50 12.12
CA SER A 185 23.08 -24.78 11.43
C SER A 185 24.25 -25.73 11.18
N ILE A 186 25.08 -25.44 10.18
CA ILE A 186 26.33 -26.20 9.86
C ILE A 186 27.26 -25.17 9.24
N ALA A 187 28.56 -25.34 9.48
CA ALA A 187 29.65 -24.45 9.01
C ALA A 187 29.48 -24.18 7.52
N MET A 188 30.12 -23.13 7.00
CA MET A 188 30.10 -22.80 5.57
C MET A 188 31.29 -21.91 5.19
N GLN A 189 32.07 -22.38 4.22
CA GLN A 189 33.17 -21.63 3.57
C GLN A 189 32.57 -20.95 2.32
N GLY A 190 31.71 -19.94 2.48
CA GLY A 190 31.40 -18.98 1.38
C GLY A 190 30.11 -19.27 0.58
N ILE A 191 29.59 -18.13 0.00
CA ILE A 191 28.33 -18.01 -0.80
C ILE A 191 28.77 -17.78 -2.24
N VAL A 192 28.16 -18.50 -3.21
CA VAL A 192 28.22 -18.23 -4.68
C VAL A 192 26.90 -17.60 -5.15
N GLU A 193 27.01 -16.49 -5.90
CA GLU A 193 25.92 -15.84 -6.68
C GLU A 193 25.59 -16.64 -7.96
N LYS A 194 24.28 -16.81 -8.21
CA LYS A 194 23.64 -17.36 -9.44
C LYS A 194 24.43 -18.52 -9.99
N PRO A 195 24.77 -19.54 -9.18
CA PRO A 195 25.62 -20.64 -9.62
C PRO A 195 25.09 -21.37 -10.84
N PRO A 196 25.97 -22.08 -11.56
CA PRO A 196 25.56 -22.84 -12.73
C PRO A 196 24.48 -23.87 -12.37
N VAL A 197 23.42 -24.12 -13.19
CA VAL A 197 22.23 -24.94 -12.76
C VAL A 197 22.69 -26.34 -12.36
N GLY A 198 23.65 -26.94 -13.03
CA GLY A 198 24.46 -28.01 -12.42
C GLY A 198 25.42 -27.39 -11.41
N ALA A 199 26.56 -28.02 -11.14
CA ALA A 199 27.74 -27.43 -10.45
C ALA A 199 27.31 -26.28 -9.56
N ALA A 200 26.39 -26.53 -8.61
CA ALA A 200 26.10 -25.61 -7.49
C ALA A 200 26.35 -26.38 -6.21
N PRO A 201 26.85 -25.69 -5.16
CA PRO A 201 27.40 -26.36 -3.98
C PRO A 201 26.34 -26.97 -3.06
N SER A 202 25.08 -26.60 -3.27
CA SER A 202 23.95 -26.75 -2.32
C SER A 202 22.68 -26.29 -3.02
N ASN A 203 21.51 -26.67 -2.50
CA ASN A 203 20.23 -26.14 -2.99
C ASN A 203 19.69 -25.10 -1.98
N LEU A 204 20.57 -24.42 -1.23
CA LEU A 204 20.24 -23.55 -0.06
C LEU A 204 20.61 -22.10 -0.37
N SER A 205 19.59 -21.23 -0.43
CA SER A 205 19.67 -19.81 -0.89
C SER A 205 19.71 -18.82 0.30
N VAL A 206 20.72 -17.95 0.29
CA VAL A 206 20.81 -16.75 1.17
C VAL A 206 19.42 -16.12 1.20
N VAL A 207 18.74 -16.07 2.37
CA VAL A 207 17.35 -15.53 2.51
C VAL A 207 17.41 -14.02 2.73
N GLY A 208 18.37 -13.58 3.54
CA GLY A 208 18.57 -12.16 3.90
C GLY A 208 18.25 -11.85 5.36
N ARG A 209 18.49 -12.78 6.29
CA ARG A 209 18.67 -12.54 7.75
C ARG A 209 20.12 -12.92 8.11
N TYR A 210 20.72 -12.20 9.08
CA TYR A 210 22.13 -12.38 9.57
C TYR A 210 22.23 -12.05 11.07
N VAL A 211 23.03 -12.78 11.83
CA VAL A 211 23.48 -12.37 13.20
C VAL A 211 25.01 -12.34 13.15
N LEU A 212 25.62 -11.16 13.25
CA LEU A 212 27.08 -10.95 13.05
C LEU A 212 27.60 -10.38 14.36
N PRO A 213 28.93 -10.25 14.53
CA PRO A 213 29.51 -9.44 15.59
C PRO A 213 29.93 -8.09 14.99
N ALA A 214 30.56 -7.25 15.77
CA ALA A 214 30.96 -5.88 15.40
C ALA A 214 32.28 -5.88 14.62
N LYS A 215 33.11 -6.94 14.75
CA LYS A 215 34.30 -7.18 13.88
C LYS A 215 33.93 -6.69 12.46
N ILE A 216 32.71 -7.06 12.02
CA ILE A 216 32.16 -7.04 10.61
C ILE A 216 32.25 -5.64 9.99
N MET A 217 32.14 -4.59 10.80
CA MET A 217 32.10 -3.15 10.34
C MET A 217 33.49 -2.69 9.90
N GLN A 218 34.53 -3.09 10.67
CA GLN A 218 35.97 -2.90 10.39
C GLN A 218 36.32 -3.57 9.05
N LEU A 219 35.71 -4.73 8.81
CA LEU A 219 35.85 -5.52 7.55
C LEU A 219 35.16 -4.76 6.41
N LEU A 220 33.94 -4.24 6.66
CA LEU A 220 33.17 -3.50 5.63
C LEU A 220 33.97 -2.28 5.18
N GLU A 221 34.77 -1.69 6.06
CA GLU A 221 35.64 -0.55 5.68
C GLU A 221 36.93 -1.04 4.96
N ASN A 222 36.98 -2.27 4.44
CA ASN A 222 38.26 -2.81 3.84
C ASN A 222 37.93 -3.82 2.71
N THR A 223 36.68 -3.84 2.24
CA THR A 223 36.18 -4.73 1.14
C THR A 223 36.36 -4.03 -0.21
N PRO A 224 37.42 -4.39 -0.96
CA PRO A 224 37.83 -3.64 -2.16
C PRO A 224 36.76 -2.93 -3.04
N GLU A 230 30.30 -0.68 -5.42
CA GLU A 230 29.33 -1.63 -4.79
C GLU A 230 30.09 -2.43 -3.68
N ILE A 231 29.92 -2.03 -2.41
CA ILE A 231 30.54 -2.69 -1.20
C ILE A 231 29.78 -3.97 -0.84
N GLN A 232 30.40 -5.14 -0.88
CA GLN A 232 29.62 -6.42 -0.77
C GLN A 232 29.61 -6.92 0.69
N LEU A 233 28.42 -7.18 1.24
CA LEU A 233 28.29 -7.88 2.55
C LEU A 233 28.93 -9.26 2.44
N THR A 234 28.56 -10.04 1.41
CA THR A 234 29.11 -11.41 1.14
C THR A 234 30.64 -11.42 1.03
N ASP A 235 31.24 -10.29 0.60
CA ASP A 235 32.70 -9.93 0.64
C ASP A 235 33.24 -9.80 2.08
N ALA A 236 32.47 -9.13 2.96
CA ALA A 236 32.76 -8.93 4.41
C ALA A 236 32.63 -10.25 5.16
N ILE A 237 31.62 -11.04 4.86
CA ILE A 237 31.52 -12.36 5.49
C ILE A 237 32.64 -13.27 4.95
N ALA A 238 33.04 -13.06 3.69
CA ALA A 238 34.25 -13.69 3.12
C ALA A 238 35.46 -13.50 4.06
N MET A 239 35.68 -12.27 4.54
CA MET A 239 36.87 -11.91 5.35
C MET A 239 36.63 -12.41 6.77
N LEU A 240 35.38 -12.46 7.20
CA LEU A 240 35.11 -12.84 8.60
C LEU A 240 35.64 -14.25 8.77
N GLN A 241 35.42 -15.12 7.75
CA GLN A 241 35.75 -16.58 7.68
C GLN A 241 37.23 -16.82 8.02
N ASP A 242 38.12 -15.89 7.65
CA ASP A 242 39.59 -15.94 7.91
C ASP A 242 39.82 -16.15 9.41
N THR A 243 39.14 -15.36 10.24
CA THR A 243 39.34 -15.22 11.70
C THR A 243 38.32 -16.11 12.48
N ASP A 244 37.08 -16.31 11.98
CA ASP A 244 35.88 -16.66 12.79
C ASP A 244 35.03 -17.75 12.09
N THR A 245 34.41 -18.66 12.86
CA THR A 245 33.51 -19.70 12.31
C THR A 245 32.22 -19.05 11.82
N VAL A 246 31.76 -19.37 10.62
CA VAL A 246 30.54 -18.81 9.98
C VAL A 246 29.59 -19.97 9.62
N GLU A 247 28.39 -20.06 10.20
CA GLU A 247 27.46 -21.18 9.92
C GLU A 247 26.32 -20.70 9.04
N ALA A 248 25.50 -21.66 8.56
CA ALA A 248 24.24 -21.40 7.81
C ALA A 248 23.05 -21.92 8.61
N TYR A 249 22.27 -21.04 9.27
CA TYR A 249 20.98 -21.40 9.92
C TYR A 249 19.91 -21.57 8.84
N ARG A 250 19.34 -22.79 8.78
CA ARG A 250 18.30 -23.18 7.81
C ARG A 250 16.90 -22.95 8.39
N MET A 251 16.07 -22.22 7.66
CA MET A 251 14.68 -21.91 8.07
C MET A 251 13.85 -23.16 8.28
N GLN A 252 12.69 -22.96 8.94
CA GLN A 252 11.60 -23.94 9.23
C GLN A 252 10.29 -23.36 8.68
N GLY A 253 10.17 -22.03 8.68
CA GLY A 253 9.06 -21.29 8.04
C GLY A 253 9.40 -20.98 6.60
N GLN A 254 8.83 -19.90 6.08
CA GLN A 254 8.47 -19.72 4.65
C GLN A 254 8.72 -18.25 4.31
N THR A 255 9.50 -17.87 3.27
CA THR A 255 9.82 -16.43 3.01
C THR A 255 8.87 -15.81 1.97
N PHE A 256 8.85 -14.48 1.85
CA PHE A 256 8.13 -13.75 0.77
C PHE A 256 8.91 -12.53 0.31
N ASP A 257 9.04 -12.39 -1.01
CA ASP A 257 9.86 -11.32 -1.61
C ASP A 257 8.97 -10.11 -1.97
N CYS A 258 8.63 -9.30 -0.97
CA CYS A 258 7.90 -8.02 -1.14
C CYS A 258 8.72 -6.98 -1.93
N GLY A 259 9.98 -7.32 -2.27
CA GLY A 259 10.81 -6.53 -3.20
C GLY A 259 10.31 -6.58 -4.65
N SER A 260 9.46 -7.58 -4.97
CA SER A 260 8.95 -7.89 -6.34
C SER A 260 7.43 -7.80 -6.32
N LYS A 261 6.86 -7.11 -7.30
CA LYS A 261 5.40 -7.03 -7.54
C LYS A 261 4.72 -8.38 -7.26
N LEU A 262 5.37 -9.51 -7.54
CA LEU A 262 4.66 -10.81 -7.66
C LEU A 262 4.82 -11.65 -6.40
N GLY A 263 5.96 -11.54 -5.75
CA GLY A 263 6.16 -12.11 -4.40
C GLY A 263 5.46 -11.25 -3.37
N TYR A 264 5.02 -10.04 -3.75
CA TYR A 264 4.15 -9.16 -2.92
C TYR A 264 2.72 -9.71 -2.99
N LEU A 265 2.08 -9.81 -4.16
CA LEU A 265 0.75 -10.46 -4.32
C LEU A 265 0.73 -11.82 -3.60
N LYS A 266 1.78 -12.63 -3.67
CA LYS A 266 1.84 -13.97 -3.01
C LYS A 266 1.68 -13.79 -1.52
N ALA A 267 2.31 -12.77 -0.94
CA ALA A 267 2.31 -12.46 0.52
C ALA A 267 0.91 -12.04 0.99
N VAL A 268 0.20 -11.25 0.19
CA VAL A 268 -1.18 -10.75 0.48
C VAL A 268 -2.07 -11.97 0.62
N LEU A 269 -1.88 -12.96 -0.25
CA LEU A 269 -2.73 -14.18 -0.24
C LEU A 269 -2.48 -14.96 1.05
N HIS A 270 -1.20 -15.19 1.38
CA HIS A 270 -0.80 -16.05 2.51
C HIS A 270 -1.21 -15.39 3.83
N TYR A 271 -0.85 -14.14 4.09
CA TYR A 271 -1.17 -13.48 5.39
C TYR A 271 -2.67 -13.17 5.47
N GLY A 272 -3.32 -12.81 4.36
CA GLY A 272 -4.74 -12.47 4.29
C GLY A 272 -5.58 -13.64 4.73
N LEU A 273 -5.24 -14.82 4.24
CA LEU A 273 -5.98 -16.06 4.63
C LEU A 273 -5.76 -16.30 6.12
N GLU A 274 -4.57 -15.96 6.62
CA GLU A 274 -4.17 -16.24 8.03
C GLU A 274 -4.58 -15.08 8.96
N HIS A 275 -5.33 -14.09 8.45
CA HIS A 275 -5.67 -12.89 9.23
C HIS A 275 -6.79 -13.22 10.20
N PRO A 276 -6.48 -13.05 11.50
CA PRO A 276 -7.35 -13.37 12.62
C PRO A 276 -8.83 -12.94 12.51
N LYS A 277 -9.04 -11.81 11.84
CA LYS A 277 -10.39 -11.20 11.60
C LYS A 277 -10.79 -11.51 10.16
N LEU A 278 -9.96 -11.07 9.24
CA LEU A 278 -10.28 -10.97 7.81
C LEU A 278 -10.28 -12.33 7.11
N GLY A 279 -9.32 -13.22 7.43
CA GLY A 279 -9.20 -14.56 6.82
C GLY A 279 -10.53 -15.18 6.40
N MET A 280 -11.49 -15.31 7.33
CA MET A 280 -12.79 -15.99 7.12
C MET A 280 -13.48 -15.37 5.89
N GLU A 281 -13.75 -14.06 5.97
CA GLU A 281 -14.52 -13.25 5.00
C GLU A 281 -13.72 -13.23 3.68
N PHE A 282 -12.37 -13.23 3.80
CA PHE A 282 -11.34 -13.25 2.71
C PHE A 282 -11.41 -14.56 1.92
N LYS A 283 -11.06 -15.69 2.54
CA LYS A 283 -11.17 -17.03 1.90
C LYS A 283 -12.50 -17.06 1.11
N GLN A 284 -13.55 -16.38 1.57
CA GLN A 284 -14.85 -16.36 0.86
C GLN A 284 -14.69 -15.62 -0.49
N LEU A 285 -14.04 -14.46 -0.45
CA LEU A 285 -13.81 -13.56 -1.62
C LEU A 285 -13.10 -14.28 -2.78
N ILE A 286 -12.07 -15.08 -2.49
CA ILE A 286 -11.50 -16.04 -3.48
C ILE A 286 -12.65 -16.97 -3.90
N LEU A 287 -12.95 -18.03 -3.17
CA LEU A 287 -13.99 -19.05 -3.57
C LEU A 287 -14.88 -18.43 -4.64
N GLU A 288 -15.42 -17.23 -4.36
CA GLU A 288 -16.50 -16.51 -5.11
C GLU A 288 -16.06 -16.09 -6.54
N LEU A 289 -14.85 -16.46 -7.01
CA LEU A 289 -14.15 -15.83 -8.17
C LEU A 289 -14.41 -16.56 -9.50
N LYS A 290 -14.84 -17.84 -9.47
CA LYS A 290 -15.33 -18.51 -10.71
C LYS A 290 -16.56 -19.36 -10.38
N MET B 1 -19.96 20.93 -21.55
CA MET B 1 -18.64 20.32 -21.90
C MET B 1 -17.87 20.07 -20.59
N ILE B 2 -18.23 19.03 -19.83
CA ILE B 2 -17.76 18.86 -18.42
C ILE B 2 -16.29 18.42 -18.46
N LYS B 3 -15.40 19.24 -17.95
CA LYS B 3 -13.96 19.08 -18.21
C LYS B 3 -13.13 19.20 -16.92
N LYS B 4 -13.77 19.28 -15.72
CA LYS B 4 -13.12 19.52 -14.40
C LYS B 4 -13.65 18.53 -13.39
N ALA B 5 -12.86 18.16 -12.43
CA ALA B 5 -13.29 17.11 -11.48
C ALA B 5 -12.65 17.30 -10.11
N VAL B 6 -13.51 17.44 -9.09
CA VAL B 6 -13.09 17.69 -7.69
C VAL B 6 -12.95 16.28 -7.09
N LEU B 7 -11.74 15.91 -6.68
CA LEU B 7 -11.41 14.66 -5.98
C LEU B 7 -11.11 15.06 -4.56
N PRO B 8 -12.04 14.84 -3.60
CA PRO B 8 -11.77 15.14 -2.20
C PRO B 8 -10.93 14.02 -1.56
N VAL B 9 -9.72 14.39 -1.07
CA VAL B 9 -8.66 13.49 -0.51
C VAL B 9 -8.08 14.12 0.75
N ALA B 10 -8.91 14.70 1.60
CA ALA B 10 -8.54 15.40 2.85
C ALA B 10 -8.87 14.55 4.10
N GLY B 11 -9.35 13.34 3.87
CA GLY B 11 -9.83 12.46 4.95
C GLY B 11 -8.67 11.87 5.71
N LEU B 12 -8.93 11.22 6.84
CA LEU B 12 -7.88 10.59 7.66
C LEU B 12 -8.00 9.05 7.72
N GLY B 13 -8.81 8.45 6.84
CA GLY B 13 -8.99 6.97 6.73
C GLY B 13 -8.91 6.17 8.03
N THR B 14 -9.66 6.58 9.05
CA THR B 14 -9.80 5.85 10.33
C THR B 14 -10.33 4.41 10.07
N ARG B 15 -11.21 4.26 9.09
CA ARG B 15 -11.89 2.97 8.76
C ARG B 15 -10.89 2.01 8.12
N PHE B 16 -9.83 2.53 7.51
CA PHE B 16 -8.78 1.73 6.81
C PHE B 16 -7.46 1.85 7.57
N LEU B 17 -7.35 1.15 8.69
CA LEU B 17 -6.31 1.45 9.72
C LEU B 17 -5.76 0.11 10.19
N PRO B 18 -4.49 0.00 10.62
CA PRO B 18 -3.50 1.08 10.50
C PRO B 18 -2.75 1.26 9.16
N ALA B 19 -3.20 0.61 8.08
CA ALA B 19 -2.61 0.69 6.72
C ALA B 19 -2.15 2.12 6.44
N SER B 20 -3.14 2.99 6.67
CA SER B 20 -3.26 4.39 6.25
C SER B 20 -3.00 5.24 7.46
N LYS B 21 -2.11 4.82 8.32
CA LYS B 21 -1.79 5.63 9.51
C LYS B 21 -0.78 6.66 9.04
N SER B 22 0.15 6.26 8.21
CA SER B 22 1.35 7.09 7.88
C SER B 22 1.49 7.26 6.39
N ILE B 23 0.52 6.75 5.64
CA ILE B 23 0.39 6.97 4.18
C ILE B 23 -1.11 7.19 3.93
N PRO B 24 -1.49 8.08 2.99
CA PRO B 24 -2.88 8.24 2.60
C PRO B 24 -3.60 6.93 2.30
N LYS B 25 -4.91 6.85 2.43
CA LYS B 25 -5.61 5.58 2.11
C LYS B 25 -5.86 5.56 0.60
N GLU B 26 -5.49 6.67 -0.04
CA GLU B 26 -5.41 6.82 -1.50
C GLU B 26 -4.07 6.33 -2.05
N MET B 27 -2.98 6.42 -1.29
CA MET B 27 -1.67 5.96 -1.82
C MET B 27 -1.52 4.45 -1.64
N VAL B 28 -2.50 3.87 -0.96
CA VAL B 28 -2.62 2.42 -0.64
C VAL B 28 -2.46 1.70 -1.96
N THR B 29 -1.51 0.73 -2.05
CA THR B 29 -1.19 0.04 -3.34
C THR B 29 -2.19 -1.10 -3.46
N VAL B 30 -3.11 -0.96 -4.44
CA VAL B 30 -3.92 -2.11 -4.93
C VAL B 30 -2.92 -3.14 -5.46
N VAL B 31 -2.76 -3.33 -6.79
CA VAL B 31 -1.90 -4.44 -7.29
C VAL B 31 -0.44 -4.01 -7.33
N ASP B 32 -0.18 -2.96 -8.10
CA ASP B 32 1.22 -2.49 -8.36
C ASP B 32 1.25 -0.94 -8.40
N ARG B 33 0.10 -0.28 -8.33
CA ARG B 33 -0.05 1.18 -8.35
C ARG B 33 -1.01 1.58 -7.24
N PRO B 34 -0.88 2.81 -6.67
CA PRO B 34 -1.78 3.30 -5.65
C PRO B 34 -3.19 3.38 -6.21
N ALA B 35 -4.14 3.59 -5.31
CA ALA B 35 -5.57 3.42 -5.60
C ALA B 35 -6.03 4.62 -6.39
N ILE B 36 -5.57 5.79 -5.98
CA ILE B 36 -6.05 7.02 -6.65
C ILE B 36 -5.78 7.00 -8.16
N GLU B 37 -4.75 6.29 -8.62
CA GLU B 37 -4.40 6.27 -10.07
C GLU B 37 -5.59 5.80 -10.91
N TYR B 38 -6.39 4.90 -10.36
CA TYR B 38 -7.46 4.16 -11.07
C TYR B 38 -8.61 5.12 -11.35
N VAL B 39 -8.73 6.06 -10.41
CA VAL B 39 -9.83 7.04 -10.25
C VAL B 39 -9.53 8.12 -11.29
N VAL B 40 -8.28 8.56 -11.29
CA VAL B 40 -7.81 9.57 -12.26
C VAL B 40 -7.81 8.93 -13.67
N ARG B 41 -7.23 7.71 -13.79
CA ARG B 41 -7.18 6.99 -15.08
C ARG B 41 -8.65 6.91 -15.57
N GLU B 42 -9.66 6.81 -14.68
CA GLU B 42 -11.13 6.83 -15.02
C GLU B 42 -11.58 8.23 -15.49
N ALA B 43 -11.14 9.27 -14.78
CA ALA B 43 -11.58 10.66 -15.02
C ALA B 43 -11.05 11.09 -16.37
N VAL B 44 -9.77 10.87 -16.59
CA VAL B 44 -9.11 11.16 -17.89
C VAL B 44 -9.87 10.42 -19.01
N GLU B 45 -10.04 9.08 -18.95
CA GLU B 45 -10.83 8.29 -19.93
C GLU B 45 -12.12 9.05 -20.29
N ALA B 46 -12.80 9.72 -19.36
CA ALA B 46 -14.13 10.35 -19.56
C ALA B 46 -14.04 11.83 -19.96
N GLY B 47 -12.86 12.36 -20.17
CA GLY B 47 -12.76 13.67 -20.85
C GLY B 47 -12.20 14.73 -19.95
N ILE B 48 -11.88 14.39 -18.71
CA ILE B 48 -11.39 15.38 -17.69
C ILE B 48 -9.97 15.80 -18.08
N GLU B 49 -9.69 17.07 -17.87
CA GLU B 49 -8.53 17.83 -18.38
C GLU B 49 -7.97 18.57 -17.15
N GLN B 50 -8.73 18.65 -16.06
CA GLN B 50 -8.30 19.38 -14.84
C GLN B 50 -8.81 18.61 -13.63
N ILE B 51 -7.87 18.09 -12.82
CA ILE B 51 -8.12 17.22 -11.64
C ILE B 51 -7.90 18.08 -10.39
N ILE B 52 -8.96 18.42 -9.64
CA ILE B 52 -8.82 19.40 -8.53
C ILE B 52 -8.82 18.63 -7.23
N LEU B 53 -7.62 18.39 -6.68
CA LEU B 53 -7.41 17.68 -5.39
C LEU B 53 -7.81 18.62 -4.24
N VAL B 54 -8.87 18.31 -3.48
CA VAL B 54 -9.11 18.97 -2.16
C VAL B 54 -8.44 18.05 -1.17
N THR B 55 -7.35 18.49 -0.60
CA THR B 55 -6.37 17.61 0.07
C THR B 55 -6.07 18.14 1.48
N HIS B 56 -5.20 17.45 2.19
CA HIS B 56 -4.84 17.77 3.60
C HIS B 56 -3.32 17.84 3.63
N SER B 57 -2.73 18.36 4.69
CA SER B 57 -1.26 18.40 4.84
C SER B 57 -0.68 17.00 5.01
N SER B 58 -1.44 15.93 5.18
CA SER B 58 -0.87 14.57 5.42
C SER B 58 -0.54 13.80 4.09
N LYS B 59 -0.56 14.50 2.98
CA LYS B 59 -0.95 13.91 1.69
C LYS B 59 -0.18 14.57 0.54
N ALA B 60 1.15 14.77 0.70
CA ALA B 60 2.03 15.23 -0.41
C ALA B 60 2.18 14.03 -1.32
N SER B 61 2.38 12.87 -0.70
CA SER B 61 2.57 11.59 -1.43
C SER B 61 1.78 11.71 -2.72
N ILE B 62 0.52 12.17 -2.58
CA ILE B 62 -0.46 12.20 -3.69
C ILE B 62 0.07 13.14 -4.79
N GLU B 63 0.14 14.44 -4.52
CA GLU B 63 0.57 15.48 -5.48
C GLU B 63 1.88 15.06 -6.13
N ASN B 64 2.82 14.53 -5.36
CA ASN B 64 4.13 14.08 -5.87
C ASN B 64 3.96 12.95 -6.89
N TYR B 65 3.04 12.00 -6.65
CA TYR B 65 2.90 10.78 -7.48
C TYR B 65 2.58 11.19 -8.92
N PHE B 66 2.00 12.36 -9.09
CA PHE B 66 1.61 12.91 -10.41
C PHE B 66 2.70 13.90 -10.81
N ASP B 67 3.90 13.88 -10.23
CA ASP B 67 4.97 14.85 -10.59
C ASP B 67 6.20 14.11 -11.11
N ARG B 68 7.23 14.83 -11.62
CA ARG B 68 8.59 14.23 -11.90
C ARG B 68 9.16 13.77 -10.54
N ASN B 69 9.70 12.57 -10.46
CA ASN B 69 10.51 12.19 -9.30
C ASN B 69 11.91 12.28 -9.87
N PHE B 70 12.69 13.26 -9.45
CA PHE B 70 14.00 13.57 -10.07
C PHE B 70 15.01 12.42 -9.87
N GLU B 71 15.16 11.90 -8.66
CA GLU B 71 16.14 10.79 -8.43
C GLU B 71 15.67 9.58 -9.25
N LEU B 72 14.39 9.27 -9.29
CA LEU B 72 13.99 8.02 -9.93
C LEU B 72 14.23 8.25 -11.42
N GLU B 73 13.65 9.30 -12.02
CA GLU B 73 13.81 9.64 -13.46
C GLU B 73 15.29 9.60 -13.85
N THR B 74 16.18 10.40 -13.22
CA THR B 74 17.60 10.51 -13.70
C THR B 74 18.35 9.20 -13.43
N THR B 75 18.16 8.59 -12.27
CA THR B 75 18.75 7.29 -11.89
C THR B 75 18.37 6.23 -12.93
N LEU B 76 17.19 6.27 -13.53
CA LEU B 76 16.66 5.20 -14.45
C LEU B 76 17.06 5.52 -15.90
N GLU B 77 17.78 6.60 -16.18
CA GLU B 77 18.42 6.81 -17.50
C GLU B 77 19.93 6.62 -17.43
N GLN B 78 20.56 6.76 -16.26
CA GLN B 78 21.77 5.97 -15.91
C GLN B 78 21.45 4.51 -16.34
N LYS B 79 20.61 3.73 -15.66
CA LYS B 79 20.54 2.26 -15.90
C LYS B 79 20.00 1.96 -17.33
N LYS B 80 19.57 3.00 -18.07
CA LYS B 80 18.78 2.93 -19.34
C LYS B 80 17.77 1.78 -19.20
N LYS B 81 17.07 1.74 -18.05
CA LYS B 81 15.91 0.85 -17.72
C LYS B 81 14.63 1.54 -18.26
N PHE B 82 14.32 1.42 -19.56
CA PHE B 82 13.34 2.28 -20.26
C PHE B 82 11.91 1.87 -19.92
N ASP B 83 11.76 0.65 -19.43
CA ASP B 83 10.42 0.08 -19.25
C ASP B 83 9.89 0.58 -17.89
N LEU B 84 10.72 0.51 -16.86
CA LEU B 84 10.43 1.04 -15.50
C LEU B 84 10.27 2.55 -15.56
N LEU B 85 11.10 3.25 -16.34
CA LEU B 85 10.94 4.71 -16.50
C LEU B 85 9.58 5.01 -17.11
N ALA B 86 9.13 4.19 -18.04
CA ALA B 86 7.82 4.34 -18.72
C ALA B 86 6.66 4.42 -17.69
N GLU B 87 6.90 3.67 -16.60
CA GLU B 87 5.90 3.32 -15.56
C GLU B 87 5.62 4.53 -14.68
N ILE B 88 6.49 5.56 -14.65
CA ILE B 88 6.32 6.73 -13.74
C ILE B 88 6.35 8.08 -14.48
N THR B 89 6.21 8.13 -15.80
CA THR B 89 6.16 9.40 -16.55
C THR B 89 4.79 9.55 -17.25
N GLN B 90 4.28 8.49 -17.85
CA GLN B 90 3.03 8.57 -18.67
C GLN B 90 1.80 8.81 -17.77
N ILE B 91 1.89 8.73 -16.44
CA ILE B 91 0.74 8.62 -15.49
C ILE B 91 -0.47 9.41 -16.01
N VAL B 92 -0.39 10.68 -16.44
CA VAL B 92 -1.59 11.28 -17.14
C VAL B 92 -1.17 12.19 -18.31
N PRO B 93 -1.84 12.10 -19.47
CA PRO B 93 -1.55 12.95 -20.61
C PRO B 93 -0.97 14.34 -20.32
N GLU B 94 -0.20 14.91 -21.26
CA GLU B 94 0.50 16.22 -21.12
C GLU B 94 -0.54 17.31 -20.84
N HIS B 95 -1.75 17.18 -21.37
CA HIS B 95 -2.75 18.28 -21.32
C HIS B 95 -3.54 18.34 -19.99
N VAL B 96 -3.62 17.21 -19.31
CA VAL B 96 -4.25 17.04 -17.95
C VAL B 96 -3.45 17.80 -16.86
N SER B 97 -4.07 18.80 -16.23
CA SER B 97 -3.53 19.54 -15.06
C SER B 97 -4.03 18.88 -13.76
N VAL B 98 -3.19 18.81 -12.70
CA VAL B 98 -3.54 18.29 -11.34
C VAL B 98 -3.26 19.44 -10.38
N ILE B 99 -4.29 19.96 -9.73
CA ILE B 99 -4.29 21.20 -8.90
C ILE B 99 -4.62 20.86 -7.45
N SER B 100 -3.89 21.43 -6.51
CA SER B 100 -4.11 21.18 -5.07
C SER B 100 -4.88 22.34 -4.50
N VAL B 101 -5.91 22.02 -3.75
CA VAL B 101 -6.48 22.97 -2.77
C VAL B 101 -6.66 22.30 -1.40
N ARG B 102 -6.46 23.07 -0.34
CA ARG B 102 -6.30 22.56 1.03
C ARG B 102 -7.65 22.60 1.75
N GLN B 103 -8.10 21.47 2.30
CA GLN B 103 -9.24 21.53 3.24
C GLN B 103 -8.65 21.69 4.63
N PRO B 104 -8.80 22.88 5.26
CA PRO B 104 -8.16 23.12 6.54
C PRO B 104 -8.75 22.08 7.51
N GLN B 105 -10.07 22.14 7.73
CA GLN B 105 -10.80 21.37 8.78
C GLN B 105 -11.75 20.41 8.03
N PRO B 106 -11.83 19.11 8.46
CA PRO B 106 -12.69 18.13 7.82
C PRO B 106 -14.11 18.29 8.37
N LEU B 107 -14.82 19.33 7.89
CA LEU B 107 -16.22 19.71 8.23
C LEU B 107 -17.14 19.28 7.07
N GLY B 108 -16.85 18.15 6.41
CA GLY B 108 -17.80 17.45 5.52
C GLY B 108 -17.44 17.43 4.03
N LEU B 109 -18.00 16.45 3.30
CA LEU B 109 -17.87 16.30 1.83
C LEU B 109 -18.33 17.60 1.19
N GLY B 110 -19.62 17.94 1.41
CA GLY B 110 -20.11 19.32 1.19
C GLY B 110 -18.96 20.34 1.25
N HIS B 111 -18.33 20.47 2.44
CA HIS B 111 -17.40 21.57 2.77
C HIS B 111 -16.09 21.43 1.99
N ALA B 112 -15.76 20.23 1.49
CA ALA B 112 -14.59 20.00 0.61
C ALA B 112 -14.87 20.60 -0.78
N VAL B 113 -15.94 20.11 -1.40
CA VAL B 113 -16.38 20.58 -2.74
C VAL B 113 -16.35 22.12 -2.77
N LEU B 114 -16.54 22.80 -1.63
CA LEU B 114 -16.75 24.29 -1.56
C LEU B 114 -15.39 25.00 -1.39
N CYS B 115 -14.34 24.24 -1.09
CA CYS B 115 -12.96 24.79 -0.99
C CYS B 115 -12.39 24.97 -2.40
N ALA B 116 -13.02 24.24 -3.36
CA ALA B 116 -12.73 24.22 -4.80
C ALA B 116 -13.62 25.19 -5.57
N LYS B 117 -14.58 25.86 -4.94
CA LYS B 117 -15.40 26.89 -5.65
C LYS B 117 -14.47 27.76 -6.49
N SER B 118 -13.49 28.38 -5.84
CA SER B 118 -12.46 29.30 -6.38
C SER B 118 -11.93 28.92 -7.77
N VAL B 119 -11.88 27.61 -8.07
CA VAL B 119 -11.04 27.00 -9.15
C VAL B 119 -11.97 26.48 -10.25
N VAL B 120 -13.08 25.89 -9.84
CA VAL B 120 -14.19 25.43 -10.71
C VAL B 120 -14.78 26.61 -11.49
N GLY B 121 -14.57 27.86 -11.05
CA GLY B 121 -15.13 29.07 -11.69
C GLY B 121 -16.62 28.99 -11.96
N GLU B 122 -17.06 29.38 -13.14
CA GLU B 122 -18.50 29.43 -13.39
C GLU B 122 -18.92 28.10 -14.02
N ASP B 123 -18.16 27.01 -13.89
CA ASP B 123 -18.19 25.88 -14.88
C ASP B 123 -18.68 24.57 -14.27
N ASP B 124 -19.67 23.92 -14.89
CA ASP B 124 -20.19 22.61 -14.43
C ASP B 124 -19.02 21.65 -14.33
N PHE B 125 -19.10 20.70 -13.42
CA PHE B 125 -17.95 19.91 -12.95
C PHE B 125 -18.43 18.57 -12.45
N ALA B 126 -17.50 17.66 -12.27
CA ALA B 126 -17.70 16.30 -11.74
C ALA B 126 -17.05 16.20 -10.36
N VAL B 127 -17.45 15.20 -9.60
CA VAL B 127 -16.92 14.93 -8.24
C VAL B 127 -16.75 13.43 -8.21
N LEU B 128 -15.56 13.01 -7.77
CA LEU B 128 -15.08 11.61 -7.66
C LEU B 128 -14.49 11.37 -6.27
N LEU B 129 -15.06 10.45 -5.49
CA LEU B 129 -14.52 10.05 -4.17
C LEU B 129 -13.53 8.92 -4.40
N PRO B 130 -12.23 9.10 -4.13
CA PRO B 130 -11.26 8.00 -4.18
C PRO B 130 -11.57 6.79 -3.28
N ASP B 131 -11.87 6.94 -2.00
CA ASP B 131 -12.43 5.78 -1.22
C ASP B 131 -12.98 4.76 -2.23
N VAL B 132 -13.63 5.21 -3.32
CA VAL B 132 -14.43 4.30 -4.20
C VAL B 132 -13.82 4.11 -5.60
N LEU B 133 -13.57 2.86 -5.97
CA LEU B 133 -13.10 2.42 -7.31
C LEU B 133 -14.28 1.93 -8.14
N VAL B 134 -14.29 2.23 -9.44
CA VAL B 134 -15.35 1.77 -10.35
C VAL B 134 -14.72 0.98 -11.49
N LYS B 135 -15.29 -0.12 -11.95
CA LYS B 135 -14.66 -0.94 -13.04
C LYS B 135 -15.61 -1.24 -14.19
N ASP B 136 -15.22 -0.72 -15.34
CA ASP B 136 -15.83 -0.91 -16.68
C ASP B 136 -15.33 -2.21 -17.32
N GLY B 137 -16.17 -2.81 -18.16
CA GLY B 137 -15.76 -3.81 -19.16
C GLY B 137 -16.76 -3.74 -20.29
N SER B 138 -16.97 -2.51 -20.77
CA SER B 138 -18.12 -2.09 -21.60
C SER B 138 -17.58 -1.21 -22.72
N GLY B 139 -16.49 -0.48 -22.40
CA GLY B 139 -15.68 0.34 -23.32
C GLY B 139 -16.09 1.81 -23.31
N GLN B 140 -17.02 2.16 -22.41
CA GLN B 140 -17.35 3.55 -22.03
C GLN B 140 -17.71 3.48 -20.55
N ASN B 141 -16.85 4.07 -19.70
CA ASN B 141 -16.93 3.83 -18.26
C ASN B 141 -18.13 4.61 -17.76
N ASP B 142 -18.52 4.39 -16.51
CA ASP B 142 -19.80 4.88 -15.98
C ASP B 142 -19.73 6.42 -15.97
N LEU B 143 -18.55 7.00 -15.76
CA LEU B 143 -18.46 8.49 -15.66
C LEU B 143 -18.77 9.13 -17.01
N SER B 144 -18.26 8.58 -18.10
CA SER B 144 -18.45 9.18 -19.44
C SER B 144 -19.93 9.11 -19.81
N ARG B 145 -20.63 8.09 -19.30
CA ARG B 145 -22.08 7.90 -19.52
C ARG B 145 -22.80 9.07 -18.87
N MET B 146 -22.49 9.26 -17.61
CA MET B 146 -23.01 10.37 -16.80
C MET B 146 -22.72 11.75 -17.40
N ILE B 147 -21.65 11.89 -18.17
CA ILE B 147 -21.28 13.23 -18.68
C ILE B 147 -21.99 13.45 -20.02
N SER B 148 -22.29 12.34 -20.73
CA SER B 148 -23.14 12.30 -21.95
C SER B 148 -24.54 12.75 -21.59
N ARG B 149 -24.95 12.31 -20.41
CA ARG B 149 -26.31 12.52 -19.89
C ARG B 149 -26.45 13.95 -19.34
N TYR B 150 -25.53 14.49 -18.49
CA TYR B 150 -25.58 15.92 -18.06
C TYR B 150 -25.58 16.76 -19.34
N ASN B 151 -24.63 16.59 -20.25
CA ASN B 151 -24.61 17.36 -21.52
C ASN B 151 -26.00 17.30 -22.18
N SER B 152 -26.50 16.17 -22.73
CA SER B 152 -27.82 16.14 -23.43
C SER B 152 -28.93 16.68 -22.50
N SER B 153 -29.11 16.19 -21.26
CA SER B 153 -30.22 16.54 -20.33
C SER B 153 -30.09 17.95 -19.69
N GLN B 154 -28.86 18.35 -19.34
CA GLN B 154 -28.49 19.57 -18.59
C GLN B 154 -28.81 19.39 -17.06
N ALA B 155 -29.25 18.18 -16.66
CA ALA B 155 -29.75 17.88 -15.30
C ALA B 155 -28.74 17.06 -14.51
N ALA B 156 -28.34 17.54 -13.32
CA ALA B 156 -27.32 16.92 -12.43
C ALA B 156 -27.47 15.39 -12.36
N GLN B 157 -26.38 14.64 -12.24
CA GLN B 157 -26.43 13.14 -12.27
C GLN B 157 -25.79 12.58 -11.00
N ILE B 158 -26.56 11.80 -10.21
CA ILE B 158 -26.09 11.03 -9.03
C ILE B 158 -25.88 9.58 -9.49
N MET B 159 -24.64 9.11 -9.48
CA MET B 159 -24.41 7.67 -9.69
C MET B 159 -24.86 6.99 -8.44
N VAL B 160 -25.69 5.98 -8.65
CA VAL B 160 -26.23 5.04 -7.64
C VAL B 160 -26.01 3.64 -8.16
N GLU B 161 -26.10 2.68 -7.25
CA GLU B 161 -26.16 1.22 -7.52
C GLU B 161 -26.89 0.63 -6.34
N ALA B 162 -27.55 -0.51 -6.58
CA ALA B 162 -28.52 -1.23 -5.73
C ALA B 162 -27.80 -2.08 -4.66
N VAL B 163 -28.39 -2.16 -3.47
CA VAL B 163 -27.80 -2.88 -2.30
C VAL B 163 -28.88 -3.65 -1.57
N PRO B 164 -28.54 -4.78 -0.90
CA PRO B 164 -29.55 -5.61 -0.27
C PRO B 164 -30.34 -4.74 0.72
N ASP B 165 -31.68 -4.88 0.73
CA ASP B 165 -32.67 -4.02 1.45
C ASP B 165 -32.26 -3.78 2.91
N HIS B 166 -31.23 -4.49 3.38
CA HIS B 166 -30.94 -4.74 4.81
C HIS B 166 -29.62 -4.10 5.25
N LEU B 167 -29.05 -3.29 4.38
CA LEU B 167 -27.78 -2.55 4.60
C LEU B 167 -28.02 -1.11 4.15
N VAL B 168 -29.28 -0.76 3.87
CA VAL B 168 -29.66 0.56 3.27
C VAL B 168 -29.35 1.65 4.31
N ASP B 169 -29.36 1.29 5.60
CA ASP B 169 -29.08 2.21 6.75
C ASP B 169 -27.57 2.45 6.89
N GLN B 170 -26.77 2.03 5.90
CA GLN B 170 -25.29 2.22 5.87
C GLN B 170 -24.93 3.19 4.76
N TYR B 171 -25.94 3.75 4.09
CA TYR B 171 -25.77 4.53 2.84
C TYR B 171 -26.73 5.71 2.80
N GLY B 172 -26.33 6.75 2.07
CA GLY B 172 -27.31 7.59 1.38
C GLY B 172 -27.99 6.75 0.31
N ILE B 173 -29.33 6.71 0.29
CA ILE B 173 -30.12 6.11 -0.84
C ILE B 173 -31.20 7.12 -1.29
N VAL B 174 -31.66 7.04 -2.52
CA VAL B 174 -32.27 8.18 -3.27
C VAL B 174 -33.78 8.01 -3.37
N ASP B 175 -34.56 9.07 -3.45
CA ASP B 175 -36.04 8.95 -3.69
C ASP B 175 -36.32 8.91 -5.20
N VAL B 176 -36.51 7.69 -5.76
CA VAL B 176 -36.86 7.43 -7.20
C VAL B 176 -38.28 6.86 -7.37
N ALA B 177 -38.97 7.28 -8.43
CA ALA B 177 -40.32 6.75 -8.79
C ALA B 177 -40.23 5.27 -9.21
N GLN B 178 -39.11 4.88 -9.83
CA GLN B 178 -38.83 3.52 -10.32
C GLN B 178 -37.32 3.37 -10.40
N SER B 179 -36.84 2.12 -10.57
CA SER B 179 -35.38 1.85 -10.74
C SER B 179 -34.98 2.08 -12.18
N PRO B 180 -33.98 2.97 -12.36
CA PRO B 180 -33.42 3.24 -13.67
C PRO B 180 -32.66 1.98 -14.09
N ASN B 181 -32.79 1.56 -15.36
CA ASN B 181 -32.10 0.35 -15.88
C ASN B 181 -30.58 0.57 -15.83
N GLU B 182 -29.78 -0.45 -15.45
CA GLU B 182 -28.29 -0.40 -15.60
C GLU B 182 -28.04 0.48 -16.83
N GLY B 183 -27.27 1.56 -16.71
CA GLY B 183 -26.90 2.41 -17.85
C GLY B 183 -27.79 3.63 -18.09
N GLU B 184 -28.92 3.78 -17.39
CA GLU B 184 -29.76 5.01 -17.51
C GLU B 184 -29.95 5.74 -16.17
N SER B 185 -30.67 6.88 -16.31
CA SER B 185 -31.01 7.91 -15.31
C SER B 185 -32.54 8.09 -15.22
N ILE B 186 -33.07 8.59 -14.09
CA ILE B 186 -34.51 8.99 -13.89
C ILE B 186 -34.50 10.10 -12.86
N ALA B 187 -35.45 11.02 -12.92
CA ALA B 187 -35.62 12.03 -11.86
C ALA B 187 -35.64 11.30 -10.51
N MET B 188 -35.27 12.10 -9.50
CA MET B 188 -35.28 11.71 -8.07
C MET B 188 -35.73 12.93 -7.26
N GLN B 189 -36.50 12.74 -6.17
CA GLN B 189 -37.06 13.89 -5.40
C GLN B 189 -36.09 14.31 -4.29
N GLY B 190 -35.19 13.40 -3.86
CA GLY B 190 -34.14 13.66 -2.85
C GLY B 190 -33.39 12.40 -2.49
N ILE B 191 -32.36 12.54 -1.64
CA ILE B 191 -31.61 11.39 -1.07
C ILE B 191 -31.84 11.44 0.43
N VAL B 192 -31.70 10.31 1.10
CA VAL B 192 -31.69 10.24 2.58
C VAL B 192 -30.33 9.73 3.06
N GLU B 193 -29.82 10.20 4.20
CA GLU B 193 -28.60 9.59 4.79
C GLU B 193 -29.11 8.50 5.73
N LYS B 194 -28.58 7.29 5.56
CA LYS B 194 -28.68 6.13 6.49
C LYS B 194 -30.10 5.83 6.94
N PRO B 195 -31.08 5.85 6.01
CA PRO B 195 -32.49 5.77 6.36
C PRO B 195 -32.79 4.44 7.04
N PRO B 196 -33.34 4.47 8.27
CA PRO B 196 -33.54 3.21 8.98
C PRO B 196 -33.99 2.08 8.03
N VAL B 197 -33.45 0.89 8.31
CA VAL B 197 -33.50 -0.35 7.45
C VAL B 197 -34.90 -0.48 6.81
N GLY B 198 -35.97 -0.11 7.51
CA GLY B 198 -37.34 -0.07 6.98
C GLY B 198 -37.57 1.07 5.98
N ALA B 199 -37.38 2.33 6.39
CA ALA B 199 -37.91 3.53 5.68
C ALA B 199 -36.86 4.04 4.68
N ALA B 200 -36.46 3.15 3.76
CA ALA B 200 -35.59 3.44 2.60
C ALA B 200 -36.44 3.60 1.32
N PRO B 201 -36.44 4.80 0.69
CA PRO B 201 -37.25 5.05 -0.49
C PRO B 201 -36.88 4.20 -1.71
N SER B 202 -35.90 3.33 -1.58
CA SER B 202 -35.27 2.58 -2.69
C SER B 202 -34.10 1.74 -2.15
N ASN B 203 -33.61 0.80 -2.96
CA ASN B 203 -32.45 -0.06 -2.61
C ASN B 203 -31.15 0.63 -3.05
N LEU B 204 -31.22 1.73 -3.82
CA LEU B 204 -30.11 2.36 -4.60
C LEU B 204 -29.21 3.24 -3.71
N SER B 205 -28.03 2.73 -3.32
CA SER B 205 -26.93 3.45 -2.64
C SER B 205 -26.40 4.46 -3.63
N VAL B 206 -26.44 5.75 -3.26
CA VAL B 206 -25.54 6.85 -3.72
C VAL B 206 -24.11 6.32 -3.58
N VAL B 207 -23.37 6.25 -4.69
CA VAL B 207 -22.10 5.47 -4.86
C VAL B 207 -20.87 6.31 -4.51
N GLY B 208 -20.85 7.55 -5.03
CA GLY B 208 -19.72 8.49 -4.86
C GLY B 208 -19.16 9.00 -6.18
N ARG B 209 -20.06 9.49 -7.03
CA ARG B 209 -19.80 9.91 -8.42
C ARG B 209 -20.88 10.89 -8.82
N TYR B 210 -20.54 12.15 -8.96
CA TYR B 210 -21.52 13.22 -9.27
C TYR B 210 -21.04 14.00 -10.51
N VAL B 211 -21.96 14.37 -11.37
CA VAL B 211 -21.82 15.54 -12.27
C VAL B 211 -22.75 16.61 -11.70
N LEU B 212 -22.35 17.87 -11.60
CA LEU B 212 -23.17 18.92 -10.94
C LEU B 212 -23.12 20.24 -11.67
N PRO B 213 -24.20 21.02 -11.71
CA PRO B 213 -24.05 22.43 -12.06
C PRO B 213 -23.17 23.27 -11.10
N ALA B 214 -22.52 24.34 -11.56
CA ALA B 214 -21.47 25.09 -10.82
C ALA B 214 -22.06 26.09 -9.83
N LYS B 215 -23.38 26.12 -9.75
CA LYS B 215 -24.19 27.04 -8.89
C LYS B 215 -24.63 26.27 -7.63
N ILE B 216 -24.36 24.96 -7.60
CA ILE B 216 -24.27 24.21 -6.31
C ILE B 216 -23.21 24.89 -5.46
N MET B 217 -22.17 25.47 -6.06
CA MET B 217 -21.15 26.20 -5.27
C MET B 217 -21.95 27.14 -4.39
N GLN B 218 -22.95 27.82 -4.97
CA GLN B 218 -23.66 28.95 -4.32
C GLN B 218 -24.62 28.40 -3.24
N LEU B 219 -25.19 27.21 -3.43
CA LEU B 219 -26.03 26.52 -2.40
C LEU B 219 -25.18 25.83 -1.31
N LEU B 220 -23.89 25.66 -1.48
CA LEU B 220 -23.10 25.10 -0.36
C LEU B 220 -22.73 26.24 0.62
N GLU B 221 -22.76 27.51 0.20
CA GLU B 221 -22.39 28.64 1.10
C GLU B 221 -23.55 28.95 2.05
N ASN B 222 -24.70 28.27 1.86
CA ASN B 222 -25.97 28.46 2.61
C ASN B 222 -26.65 27.13 2.92
N THR B 223 -26.06 26.24 3.73
CA THR B 223 -26.73 24.99 4.23
C THR B 223 -26.95 24.97 5.77
N PRO B 224 -27.83 24.02 6.28
CA PRO B 224 -27.60 23.25 7.52
C PRO B 224 -26.69 22.00 7.35
N GLU B 230 -19.82 19.50 9.10
CA GLU B 230 -20.82 20.58 9.39
C GLU B 230 -21.62 20.98 8.12
N ILE B 231 -21.02 20.88 6.91
CA ILE B 231 -21.75 21.07 5.61
C ILE B 231 -21.88 19.76 4.85
N GLN B 232 -23.11 19.45 4.45
CA GLN B 232 -23.55 18.14 3.85
C GLN B 232 -23.90 18.47 2.38
N LEU B 233 -23.55 17.57 1.43
CA LEU B 233 -23.79 17.76 -0.04
C LEU B 233 -25.28 17.53 -0.34
N THR B 234 -25.79 16.34 0.01
CA THR B 234 -27.19 15.85 -0.17
C THR B 234 -28.21 16.92 0.28
N ASP B 235 -27.71 17.79 1.16
CA ASP B 235 -28.22 19.11 1.61
C ASP B 235 -28.31 20.13 0.45
N ALA B 236 -27.19 20.37 -0.24
CA ALA B 236 -27.12 21.34 -1.37
C ALA B 236 -27.88 20.77 -2.59
N ILE B 237 -27.89 19.44 -2.73
CA ILE B 237 -28.57 18.66 -3.82
C ILE B 237 -30.09 18.64 -3.61
N ALA B 238 -30.50 18.83 -2.38
CA ALA B 238 -31.87 19.27 -2.07
C ALA B 238 -32.11 20.64 -2.72
N MET B 239 -31.40 21.65 -2.27
CA MET B 239 -31.74 23.07 -2.56
C MET B 239 -31.77 23.30 -4.08
N LEU B 240 -30.99 22.50 -4.82
CA LEU B 240 -31.02 22.44 -6.31
C LEU B 240 -32.36 21.86 -6.74
N GLN B 241 -32.64 20.69 -6.15
CA GLN B 241 -33.84 19.82 -6.29
C GLN B 241 -35.18 20.60 -6.30
N ASP B 242 -35.18 21.80 -5.71
CA ASP B 242 -36.27 22.80 -5.80
C ASP B 242 -36.16 23.45 -7.19
N THR B 243 -35.26 24.42 -7.36
CA THR B 243 -35.04 25.14 -8.65
C THR B 243 -35.04 24.15 -9.84
N ASP B 244 -34.31 23.02 -9.76
CA ASP B 244 -33.83 22.22 -10.93
C ASP B 244 -34.05 20.70 -10.79
N THR B 245 -34.02 20.04 -11.98
CA THR B 245 -34.11 18.56 -12.08
C THR B 245 -32.80 17.94 -11.63
N VAL B 246 -32.88 16.81 -10.93
CA VAL B 246 -31.70 16.05 -10.48
C VAL B 246 -32.05 14.59 -10.70
N GLU B 247 -31.15 13.83 -11.32
CA GLU B 247 -31.43 12.46 -11.84
C GLU B 247 -30.45 11.45 -11.26
N ALA B 248 -30.95 10.29 -10.86
CA ALA B 248 -30.12 9.17 -10.34
C ALA B 248 -29.76 8.33 -11.56
N TYR B 249 -28.46 8.23 -11.86
CA TYR B 249 -27.89 7.36 -12.92
C TYR B 249 -27.46 6.06 -12.26
N ARG B 250 -28.15 5.01 -12.60
CA ARG B 250 -27.72 3.65 -12.26
C ARG B 250 -26.48 3.25 -13.04
N MET B 251 -25.48 2.69 -12.38
CA MET B 251 -24.18 2.31 -13.02
C MET B 251 -24.23 0.89 -13.58
N GLN B 252 -23.46 0.66 -14.65
CA GLN B 252 -23.38 -0.63 -15.40
C GLN B 252 -22.11 -1.41 -14.99
N GLY B 253 -21.05 -0.74 -14.56
CA GLY B 253 -19.81 -1.38 -14.10
C GLY B 253 -19.83 -1.77 -12.63
N GLN B 254 -18.86 -2.60 -12.23
CA GLN B 254 -18.58 -3.15 -10.87
C GLN B 254 -18.05 -2.00 -9.93
N THR B 255 -18.07 -2.16 -8.61
CA THR B 255 -17.75 -1.09 -7.63
C THR B 255 -17.03 -1.68 -6.40
N PHE B 256 -15.92 -1.05 -5.97
CA PHE B 256 -15.05 -1.50 -4.82
C PHE B 256 -14.77 -0.35 -3.82
N ASP B 257 -15.05 -0.54 -2.52
CA ASP B 257 -14.77 0.53 -1.51
C ASP B 257 -13.37 0.33 -0.92
N CYS B 258 -12.41 1.19 -1.27
CA CYS B 258 -11.02 1.11 -0.74
C CYS B 258 -10.82 2.03 0.49
N GLY B 259 -11.94 2.24 1.20
CA GLY B 259 -12.03 2.73 2.59
C GLY B 259 -12.33 1.57 3.53
N SER B 260 -13.14 0.58 3.12
CA SER B 260 -13.31 -0.71 3.84
C SER B 260 -12.09 -1.60 3.55
N LYS B 261 -11.74 -2.51 4.48
CA LYS B 261 -10.65 -3.49 4.28
C LYS B 261 -11.15 -4.49 3.25
N LEU B 262 -12.11 -5.34 3.61
CA LEU B 262 -12.69 -6.37 2.72
C LEU B 262 -12.96 -5.78 1.31
N GLY B 263 -13.02 -4.47 1.18
CA GLY B 263 -13.32 -3.83 -0.11
C GLY B 263 -12.07 -3.68 -0.93
N TYR B 264 -11.01 -3.13 -0.33
CA TYR B 264 -9.62 -3.11 -0.84
C TYR B 264 -9.16 -4.55 -1.18
N LEU B 265 -9.24 -5.52 -0.26
CA LEU B 265 -8.86 -6.92 -0.59
C LEU B 265 -9.63 -7.38 -1.84
N LYS B 266 -10.95 -7.12 -1.94
CA LYS B 266 -11.77 -7.56 -3.11
C LYS B 266 -11.18 -7.00 -4.40
N ALA B 267 -10.66 -5.77 -4.38
CA ALA B 267 -10.09 -5.06 -5.55
C ALA B 267 -8.73 -5.65 -5.93
N VAL B 268 -7.81 -5.85 -4.97
CA VAL B 268 -6.50 -6.54 -5.19
C VAL B 268 -6.74 -7.79 -6.02
N LEU B 269 -7.82 -8.54 -5.73
CA LEU B 269 -8.19 -9.80 -6.42
C LEU B 269 -8.73 -9.55 -7.82
N HIS B 270 -9.73 -8.70 -7.99
CA HIS B 270 -10.49 -8.56 -9.28
C HIS B 270 -9.67 -7.80 -10.31
N TYR B 271 -8.90 -6.82 -9.83
CA TYR B 271 -8.01 -5.97 -10.66
C TYR B 271 -6.78 -6.79 -11.03
N GLY B 272 -6.13 -7.37 -10.03
CA GLY B 272 -4.94 -8.22 -10.20
C GLY B 272 -5.18 -9.34 -11.19
N LEU B 273 -6.31 -10.02 -11.16
CA LEU B 273 -6.58 -11.14 -12.09
C LEU B 273 -6.58 -10.64 -13.55
N GLU B 274 -6.65 -9.32 -13.79
CA GLU B 274 -6.75 -8.73 -15.16
C GLU B 274 -5.55 -7.83 -15.49
N HIS B 275 -4.53 -7.82 -14.62
CA HIS B 275 -3.32 -7.01 -14.80
C HIS B 275 -2.65 -7.51 -16.06
N PRO B 276 -2.20 -6.63 -16.99
CA PRO B 276 -1.53 -7.09 -18.21
C PRO B 276 -0.52 -8.27 -18.03
N LYS B 277 0.57 -7.99 -17.29
CA LYS B 277 1.71 -8.91 -16.95
C LYS B 277 1.29 -9.89 -15.83
N LEU B 278 1.14 -9.38 -14.61
CA LEU B 278 0.99 -10.20 -13.37
C LEU B 278 -0.26 -11.10 -13.43
N GLY B 279 -1.28 -10.70 -14.20
CA GLY B 279 -2.58 -11.38 -14.31
C GLY B 279 -2.44 -12.87 -14.43
N MET B 280 -1.85 -13.36 -15.52
CA MET B 280 -1.80 -14.82 -15.83
C MET B 280 -1.00 -15.49 -14.71
N GLU B 281 0.10 -14.82 -14.26
CA GLU B 281 1.04 -15.36 -13.24
C GLU B 281 0.36 -15.37 -11.86
N PHE B 282 -0.51 -14.40 -11.60
CA PHE B 282 -1.25 -14.16 -10.32
C PHE B 282 -2.35 -15.19 -10.10
N LYS B 283 -3.21 -15.33 -11.13
CA LYS B 283 -4.30 -16.33 -11.19
C LYS B 283 -3.70 -17.65 -10.74
N GLN B 284 -2.45 -17.84 -11.14
CA GLN B 284 -1.66 -19.08 -10.95
C GLN B 284 -1.47 -19.30 -9.45
N LEU B 285 -0.90 -18.27 -8.79
CA LEU B 285 -0.66 -18.20 -7.32
C LEU B 285 -1.92 -18.69 -6.60
N ILE B 286 -3.09 -18.25 -7.09
CA ILE B 286 -4.43 -18.50 -6.47
C ILE B 286 -4.82 -19.96 -6.64
N LEU B 287 -4.75 -20.49 -7.87
CA LEU B 287 -5.18 -21.89 -8.11
C LEU B 287 -4.35 -22.77 -7.19
N GLU B 288 -3.16 -22.29 -6.78
CA GLU B 288 -2.14 -23.04 -5.98
C GLU B 288 -2.33 -22.99 -4.44
N LEU B 289 -3.56 -22.81 -3.92
CA LEU B 289 -3.85 -22.60 -2.46
C LEU B 289 -4.73 -23.72 -1.87
N LYS B 290 -5.64 -24.28 -2.68
CA LYS B 290 -6.65 -25.32 -2.29
C LYS B 290 -6.21 -26.70 -2.77
S SO4 C . 25.73 -7.74 -0.99
O1 SO4 C . 26.59 -6.80 -0.32
O2 SO4 C . 25.24 -8.70 -0.03
O3 SO4 C . 26.48 -8.42 -2.02
O4 SO4 C . 24.63 -7.03 -1.59
PA UTP D . 16.57 -4.43 -3.02
O1A UTP D . 15.31 -5.23 -3.09
O2A UTP D . 17.85 -5.09 -3.35
O3A UTP D . 16.40 -3.13 -3.92
O5' UTP D . 16.70 -3.76 -1.57
PB UTP D . 15.99 -1.59 -3.73
O1B UTP D . 17.22 -0.76 -3.53
O2B UTP D . 14.85 -1.49 -2.77
O3B UTP D . 15.47 -1.29 -5.20
PG UTP D . 15.22 -2.27 -6.43
O1G UTP D . 14.89 -1.31 -7.48
O2G UTP D . 14.08 -3.18 -6.09
O3G UTP D . 16.48 -3.00 -6.72
C5' UTP D . 17.35 -4.50 -0.51
C4' UTP D . 17.27 -3.70 0.78
O4' UTP D . 18.54 -3.02 0.97
C1' UTP D . 18.33 -1.64 1.15
C2' UTP D . 16.94 -1.31 0.62
O2' UTP D . 16.45 -0.24 1.39
C3' UTP D . 16.18 -2.63 0.82
O3' UTP D . 15.43 -2.74 2.02
N1 UTP D . 19.35 -0.92 0.38
C6 UTP D . 19.76 -1.33 -0.88
C2 UTP D . 19.84 0.25 0.93
O2 UTP D . 19.49 0.65 2.03
N3 UTP D . 20.77 0.91 0.16
C4 UTP D . 21.23 0.54 -1.09
O4 UTP D . 22.07 1.25 -1.64
C5 UTP D . 20.66 -0.67 -1.61
PA UTP E . -14.27 8.93 4.45
O1A UTP E . -15.47 9.30 5.25
O2A UTP E . -14.01 7.48 4.16
O3A UTP E . -12.97 9.58 5.16
O5' UTP E . -14.28 9.74 3.06
PB UTP E . -11.98 9.22 6.36
O1B UTP E . -10.62 9.07 5.77
O2B UTP E . -12.17 10.18 7.48
O3B UTP E . -12.56 7.80 6.81
PG UTP E . -13.68 7.34 7.90
O1G UTP E . -14.58 6.34 7.22
O2G UTP E . -14.42 8.57 8.36
O3G UTP E . -12.87 6.70 9.00
C5' UTP E . -13.00 9.65 2.36
C4' UTP E . -12.80 10.77 1.36
O4' UTP E . -13.75 11.86 1.55
C1' UTP E . -13.07 13.09 1.68
C2' UTP E . -11.65 12.73 2.10
O2' UTP E . -10.74 13.71 1.67
C3' UTP E . -11.40 11.39 1.41
O3' UTP E . -10.86 11.39 0.10
N1 UTP E . -13.76 13.91 2.70
C6 UTP E . -14.90 13.48 3.32
C2 UTP E . -13.16 15.11 3.06
O2 UTP E . -12.15 15.54 2.54
N3 UTP E . -13.81 15.81 4.05
C4 UTP E . -14.96 15.43 4.70
O4 UTP E . -15.41 16.18 5.57
C5 UTP E . -15.51 14.18 4.28
C1 GOL F . -21.16 21.71 -23.68
O1 GOL F . -20.76 22.88 -22.96
C2 GOL F . -22.16 22.04 -24.77
O2 GOL F . -21.81 23.29 -25.37
C3 GOL F . -22.23 20.94 -25.83
O3 GOL F . -23.18 19.93 -25.50
#